data_2WQD
#
_entry.id   2WQD
#
_cell.length_a   98.340
_cell.length_b   98.340
_cell.length_c   105.110
_cell.angle_alpha   90.00
_cell.angle_beta   90.00
_cell.angle_gamma   120.00
#
_symmetry.space_group_name_H-M   'P 32 2 1'
#
loop_
_entity.id
_entity.type
_entity.pdbx_description
1 polymer 'PHOSPHOENOLPYRUVATE-PROTEIN PHOSPHOTRANSFERASE'
2 non-polymer 'CALCIUM ION'
3 water water
#
_entity_poly.entity_id   1
_entity_poly.type   'polypeptide(L)'
_entity_poly.pdbx_seq_one_letter_code
;MSKLIKGIAASDGVAIAKAYLLVEPDLTFDKNEKVTDVEGEVAKFNSAIEASKVELTKIRNNAEVQLGADKAAIFDAHLL
VLDDPELIQPIQDKIKNENANAATALTDVTTQFVTIFESMDNEYMKERAADIRDVSKRVLSHILGVELPNPSMIDESVVI
VGNDLTPSDTAQLNKEFVQGFATNIGGRTSASAIMSRSLEIPAIVGTKSITQEVKQGDMIIVDGLNGDVIVNPTEDELIA
YQDKRERYFADKKELQKLRDADTVTVDGVHAELAANIGTPNDLPGVIENGAQGIGLYRTEFLYMGRDQMPTEEEQFEAYK
EVLEAMGGKRVVVRTLDIGGDKELSYLNLPEEMNPFLGYRAIRLSLAQQDIFRPQLRALLRASVYGKLNIMFPMVATINE
FREAKAILLEEKENLKNEGHDISDDIELGIMVEIPATAALADVFAKEVDFFSIGTNDLIQYTLAADRMSERVSYLYQPYN
PSILRLVKQVIEASHKEGKWTGMCGEMAGDETAIPLLLGLGLDEFSMSATSILKARRQINGLSKNEMTELANRAVDCATQ
EEVIELVNNYVK
;
_entity_poly.pdbx_strand_id   A
#
loop_
_chem_comp.id
_chem_comp.type
_chem_comp.name
_chem_comp.formula
CA non-polymer 'CALCIUM ION' 'Ca 2'
#
# COMPACT_ATOMS: atom_id res chain seq x y z
N SER A 2 -22.10 12.42 -23.45
CA SER A 2 -22.26 13.86 -23.61
C SER A 2 -21.13 14.61 -22.91
N LYS A 3 -20.54 13.98 -21.90
CA LYS A 3 -19.44 14.60 -21.15
C LYS A 3 -18.52 13.52 -20.57
N LEU A 4 -17.26 13.54 -20.99
CA LEU A 4 -16.28 12.58 -20.53
C LEU A 4 -15.23 13.22 -19.63
N ILE A 5 -15.14 12.74 -18.39
CA ILE A 5 -14.17 13.25 -17.45
C ILE A 5 -13.21 12.16 -17.07
N LYS A 6 -11.97 12.34 -17.43
CA LYS A 6 -10.93 11.37 -17.12
C LYS A 6 -10.45 11.51 -15.68
N GLY A 7 -10.04 10.40 -15.09
CA GLY A 7 -9.54 10.38 -13.72
C GLY A 7 -8.70 9.16 -13.45
N ILE A 8 -8.32 8.98 -12.19
CA ILE A 8 -7.51 7.83 -11.80
C ILE A 8 -8.39 6.70 -11.29
N ALA A 9 -8.42 5.59 -12.02
CA ALA A 9 -9.20 4.43 -11.60
C ALA A 9 -8.64 3.87 -10.29
N ALA A 10 -9.52 3.74 -9.29
CA ALA A 10 -9.10 3.26 -7.97
C ALA A 10 -9.78 1.93 -7.61
N SER A 11 -10.74 1.52 -8.43
CA SER A 11 -11.47 0.27 -8.18
C SER A 11 -12.18 -0.19 -9.45
N ASP A 12 -12.01 -1.45 -9.80
CA ASP A 12 -12.57 -1.99 -11.05
C ASP A 12 -14.10 -2.11 -11.01
N GLY A 13 -14.69 -2.27 -12.19
CA GLY A 13 -16.13 -2.36 -12.31
C GLY A 13 -16.72 -1.20 -13.08
N VAL A 14 -17.96 -1.35 -13.51
CA VAL A 14 -18.67 -0.31 -14.24
C VAL A 14 -19.99 -0.01 -13.55
N ALA A 15 -20.10 1.16 -12.94
CA ALA A 15 -21.30 1.55 -12.23
C ALA A 15 -22.17 2.49 -13.06
N ILE A 16 -23.47 2.27 -13.03
CA ILE A 16 -24.41 3.06 -13.82
C ILE A 16 -25.62 3.41 -12.99
N ALA A 17 -25.70 4.67 -12.53
CA ALA A 17 -26.83 5.10 -11.72
C ALA A 17 -26.92 6.63 -11.70
N LYS A 18 -28.00 7.14 -11.10
CA LYS A 18 -28.20 8.57 -10.99
C LYS A 18 -27.22 9.19 -10.00
N ALA A 19 -26.88 10.45 -10.22
CA ALA A 19 -25.92 11.17 -9.39
C ALA A 19 -26.46 11.57 -8.02
N TYR A 20 -25.76 11.16 -6.98
CA TYR A 20 -26.01 11.66 -5.63
C TYR A 20 -24.85 12.56 -5.22
N LEU A 21 -25.15 13.84 -5.01
CA LEU A 21 -24.14 14.83 -4.67
C LEU A 21 -23.87 14.88 -3.18
N LEU A 22 -22.61 14.71 -2.80
CA LEU A 22 -22.25 14.73 -1.39
C LEU A 22 -22.08 16.16 -0.87
N VAL A 23 -23.15 16.73 -0.34
CA VAL A 23 -23.12 18.11 0.14
C VAL A 23 -22.31 18.26 1.42
N GLU A 24 -21.43 19.27 1.44
CA GLU A 24 -20.57 19.54 2.58
C GLU A 24 -21.17 20.60 3.51
N PRO A 25 -20.68 20.66 4.75
CA PRO A 25 -21.17 21.64 5.74
C PRO A 25 -20.76 23.07 5.39
N ASP A 26 -21.51 24.03 5.90
CA ASP A 26 -21.14 25.44 5.78
C ASP A 26 -20.31 25.84 6.98
N LEU A 27 -18.98 25.80 6.82
CA LEU A 27 -18.08 26.06 7.93
C LEU A 27 -17.72 27.55 8.06
N THR A 28 -18.55 28.40 7.48
CA THR A 28 -18.35 29.84 7.57
C THR A 28 -18.69 30.35 8.97
N PHE A 29 -17.92 31.31 9.46
CA PHE A 29 -18.16 31.89 10.76
C PHE A 29 -17.45 33.24 10.91
N ASP A 30 -17.85 33.99 11.92
CA ASP A 30 -17.28 35.29 12.20
C ASP A 30 -15.92 35.14 12.87
N LYS A 31 -14.88 35.59 12.19
CA LYS A 31 -13.53 35.50 12.73
C LYS A 31 -13.34 36.56 13.80
N ASN A 32 -12.37 36.32 14.68
CA ASN A 32 -12.00 37.30 15.71
C ASN A 32 -13.21 37.89 16.45
N GLU A 33 -14.25 37.08 16.62
CA GLU A 33 -15.40 37.49 17.41
C GLU A 33 -15.11 37.27 18.88
N LYS A 34 -14.89 38.35 19.61
CA LYS A 34 -14.53 38.26 21.03
C LYS A 34 -15.65 37.63 21.84
N VAL A 35 -15.32 36.61 22.62
CA VAL A 35 -16.30 35.90 23.43
C VAL A 35 -16.51 36.59 24.76
N THR A 36 -17.77 36.56 25.23
CA THR A 36 -18.12 37.15 26.51
C THR A 36 -17.81 36.18 27.64
N ASP A 37 -18.27 34.95 27.49
CA ASP A 37 -18.05 33.90 28.49
C ASP A 37 -16.92 32.97 28.06
N VAL A 38 -15.79 33.05 28.75
CA VAL A 38 -14.62 32.25 28.40
C VAL A 38 -14.81 30.79 28.76
N GLU A 39 -15.20 30.54 30.01
CA GLU A 39 -15.46 29.18 30.48
C GLU A 39 -16.59 28.52 29.68
N GLY A 40 -17.53 29.34 29.23
CA GLY A 40 -18.61 28.86 28.40
C GLY A 40 -18.08 28.42 27.06
N GLU A 41 -17.23 29.25 26.45
CA GLU A 41 -16.67 28.98 25.15
C GLU A 41 -15.76 27.74 25.19
N VAL A 42 -15.04 27.60 26.29
CA VAL A 42 -14.20 26.43 26.51
C VAL A 42 -15.03 25.15 26.56
N ALA A 43 -16.15 25.20 27.26
CA ALA A 43 -17.03 24.05 27.41
C ALA A 43 -17.70 23.71 26.08
N LYS A 44 -18.01 24.76 25.33
CA LYS A 44 -18.53 24.60 23.98
C LYS A 44 -17.56 23.78 23.13
N PHE A 45 -16.28 24.12 23.21
CA PHE A 45 -15.25 23.40 22.45
C PHE A 45 -15.07 21.98 22.96
N ASN A 46 -15.14 21.83 24.28
CA ASN A 46 -15.00 20.52 24.90
C ASN A 46 -16.15 19.59 24.55
N SER A 47 -17.34 20.16 24.44
CA SER A 47 -18.52 19.37 24.10
C SER A 47 -18.34 18.78 22.71
N ALA A 48 -17.91 19.63 21.78
CA ALA A 48 -17.63 19.22 20.41
C ALA A 48 -16.65 18.04 20.37
N ILE A 49 -15.64 18.10 21.21
CA ILE A 49 -14.64 17.03 21.27
C ILE A 49 -15.29 15.70 21.66
N GLU A 50 -16.08 15.72 22.73
CA GLU A 50 -16.76 14.51 23.20
C GLU A 50 -17.77 13.99 22.19
N ALA A 51 -18.54 14.90 21.59
CA ALA A 51 -19.52 14.53 20.59
C ALA A 51 -18.86 13.84 19.39
N SER A 52 -17.73 14.39 18.95
CA SER A 52 -16.97 13.79 17.85
C SER A 52 -16.39 12.45 18.28
N LYS A 53 -15.81 12.43 19.47
CA LYS A 53 -15.18 11.24 20.00
C LYS A 53 -16.14 10.05 20.01
N VAL A 54 -17.37 10.29 20.45
CA VAL A 54 -18.36 9.21 20.50
C VAL A 54 -18.79 8.77 19.11
N GLU A 55 -18.99 9.72 18.20
CA GLU A 55 -19.33 9.39 16.82
C GLU A 55 -18.27 8.50 16.19
N LEU A 56 -16.99 8.78 16.48
CA LEU A 56 -15.89 8.04 15.86
C LEU A 56 -15.70 6.65 16.47
N THR A 57 -16.21 6.46 17.69
CA THR A 57 -16.13 5.16 18.33
C THR A 57 -17.15 4.22 17.69
N LYS A 58 -18.31 4.75 17.34
CA LYS A 58 -19.32 3.99 16.61
C LYS A 58 -18.79 3.57 15.24
N ILE A 59 -18.29 4.55 14.49
CA ILE A 59 -17.74 4.30 13.17
C ILE A 59 -16.64 3.24 13.24
N ARG A 60 -15.81 3.32 14.27
CA ARG A 60 -14.61 2.48 14.36
C ARG A 60 -14.94 1.02 14.65
N ASN A 61 -15.56 0.77 15.79
CA ASN A 61 -15.78 -0.60 16.25
C ASN A 61 -16.67 -1.40 15.32
N ASN A 62 -17.68 -0.75 14.75
CA ASN A 62 -18.54 -1.43 13.80
C ASN A 62 -18.03 -1.34 12.36
N ALA A 63 -16.86 -0.73 12.18
CA ALA A 63 -16.19 -0.78 10.89
C ALA A 63 -15.58 -2.16 10.77
N GLU A 64 -14.79 -2.52 11.79
CA GLU A 64 -14.36 -3.90 11.95
C GLU A 64 -15.59 -4.68 12.38
N VAL A 65 -15.48 -6.01 12.42
CA VAL A 65 -16.62 -6.86 12.73
C VAL A 65 -17.65 -6.76 11.62
N GLN A 66 -17.51 -5.74 10.78
CA GLN A 66 -18.41 -5.52 9.66
C GLN A 66 -17.63 -5.54 8.34
N LEU A 67 -16.34 -5.28 8.41
CA LEU A 67 -15.49 -5.30 7.23
C LEU A 67 -14.01 -5.10 7.56
N GLY A 68 -13.34 -6.20 7.93
CA GLY A 68 -11.93 -6.13 8.26
C GLY A 68 -11.68 -5.52 9.63
N ALA A 69 -11.00 -6.27 10.49
CA ALA A 69 -10.71 -5.81 11.84
C ALA A 69 -9.42 -5.00 11.89
N ASP A 70 -8.77 -4.85 10.74
CA ASP A 70 -7.51 -4.12 10.64
C ASP A 70 -7.68 -2.82 9.86
N LYS A 71 -8.81 -2.69 9.18
CA LYS A 71 -9.09 -1.51 8.38
C LYS A 71 -9.60 -0.38 9.26
N ALA A 72 -10.14 -0.73 10.42
CA ALA A 72 -10.65 0.24 11.37
C ALA A 72 -9.51 0.94 12.12
N ALA A 73 -8.27 0.57 11.77
CA ALA A 73 -7.10 1.16 12.41
C ALA A 73 -7.01 2.67 12.16
N ILE A 74 -7.38 3.09 10.96
CA ILE A 74 -7.36 4.51 10.62
C ILE A 74 -8.20 5.31 11.60
N PHE A 75 -9.30 4.73 12.05
CA PHE A 75 -10.18 5.40 13.00
C PHE A 75 -9.55 5.45 14.38
N ASP A 76 -8.80 4.40 14.73
CA ASP A 76 -8.02 4.41 15.96
C ASP A 76 -6.99 5.55 15.87
N ALA A 77 -6.66 5.93 14.65
CA ALA A 77 -5.74 7.04 14.41
C ALA A 77 -6.46 8.37 14.52
N HIS A 78 -7.76 8.36 14.27
CA HIS A 78 -8.57 9.57 14.40
C HIS A 78 -8.92 9.85 15.86
N LEU A 79 -9.26 8.81 16.61
CA LEU A 79 -9.59 8.95 18.02
C LEU A 79 -8.39 9.42 18.84
N LEU A 80 -7.22 9.00 18.41
CA LEU A 80 -5.96 9.37 19.06
C LEU A 80 -5.77 10.87 18.98
N VAL A 81 -6.05 11.44 17.81
CA VAL A 81 -5.95 12.87 17.59
C VAL A 81 -6.77 13.64 18.63
N LEU A 82 -7.99 13.18 18.87
CA LEU A 82 -8.89 13.83 19.83
C LEU A 82 -8.42 13.69 21.27
N ASP A 83 -7.33 12.96 21.48
CA ASP A 83 -6.81 12.75 22.83
C ASP A 83 -5.43 13.38 23.02
N ASP A 84 -4.92 14.00 21.96
CA ASP A 84 -3.56 14.55 21.98
C ASP A 84 -3.51 15.95 22.60
N PRO A 85 -2.96 16.04 23.83
CA PRO A 85 -2.86 17.33 24.51
C PRO A 85 -2.09 18.33 23.67
N GLU A 86 -1.10 17.85 22.91
CA GLU A 86 -0.30 18.73 22.06
C GLU A 86 -1.21 19.55 21.15
N LEU A 87 -2.33 18.97 20.76
CA LEU A 87 -3.23 19.62 19.81
C LEU A 87 -4.40 20.35 20.50
N ILE A 88 -4.84 19.81 21.64
CA ILE A 88 -6.00 20.36 22.35
C ILE A 88 -5.65 21.56 23.22
N GLN A 89 -4.63 21.41 24.06
CA GLN A 89 -4.18 22.47 24.96
C GLN A 89 -4.04 23.84 24.29
N PRO A 90 -3.36 23.90 23.13
CA PRO A 90 -3.19 25.21 22.49
C PRO A 90 -4.51 25.85 22.07
N ILE A 91 -5.51 25.04 21.74
CA ILE A 91 -6.82 25.57 21.41
C ILE A 91 -7.44 26.20 22.66
N GLN A 92 -7.42 25.45 23.75
CA GLN A 92 -7.99 25.93 24.99
C GLN A 92 -7.22 27.15 25.50
N ASP A 93 -5.90 27.07 25.43
CA ASP A 93 -5.05 28.19 25.83
C ASP A 93 -5.41 29.47 25.07
N LYS A 94 -5.66 29.32 23.78
CA LYS A 94 -5.94 30.48 22.92
C LYS A 94 -7.28 31.15 23.26
N ILE A 95 -8.28 30.32 23.54
CA ILE A 95 -9.59 30.82 23.93
C ILE A 95 -9.53 31.57 25.25
N LYS A 96 -8.78 31.01 26.19
CA LYS A 96 -8.63 31.62 27.52
C LYS A 96 -7.88 32.94 27.45
N ASN A 97 -6.68 32.91 26.88
CA ASN A 97 -5.80 34.08 26.87
C ASN A 97 -6.22 35.15 25.87
N GLU A 98 -6.64 34.73 24.68
CA GLU A 98 -6.95 35.67 23.61
C GLU A 98 -8.44 36.02 23.53
N ASN A 99 -9.27 35.29 24.27
CA ASN A 99 -10.72 35.46 24.19
C ASN A 99 -11.25 35.21 22.79
N ALA A 100 -10.56 34.34 22.05
CA ALA A 100 -11.00 33.96 20.72
C ALA A 100 -12.11 32.93 20.84
N ASN A 101 -13.03 32.94 19.87
CA ASN A 101 -14.08 31.94 19.87
C ASN A 101 -13.49 30.59 19.48
N ALA A 102 -14.15 29.52 19.90
CA ALA A 102 -13.66 28.17 19.64
C ALA A 102 -13.40 27.95 18.15
N ALA A 103 -14.26 28.51 17.31
CA ALA A 103 -14.15 28.30 15.86
C ALA A 103 -12.85 28.85 15.29
N THR A 104 -12.42 30.02 15.77
CA THR A 104 -11.19 30.63 15.27
C THR A 104 -9.96 29.98 15.89
N ALA A 105 -10.02 29.73 17.20
CA ALA A 105 -8.94 29.07 17.89
C ALA A 105 -8.68 27.69 17.29
N LEU A 106 -9.74 26.98 16.95
CA LEU A 106 -9.60 25.68 16.32
C LEU A 106 -8.96 25.78 14.94
N THR A 107 -9.46 26.72 14.14
CA THR A 107 -8.93 26.92 12.78
C THR A 107 -7.45 27.24 12.78
N ASP A 108 -7.06 28.27 13.53
CA ASP A 108 -5.67 28.75 13.54
C ASP A 108 -4.69 27.65 13.93
N VAL A 109 -4.96 26.96 15.03
CA VAL A 109 -4.06 25.92 15.52
C VAL A 109 -3.98 24.75 14.53
N THR A 110 -5.14 24.35 14.00
CA THR A 110 -5.17 23.29 13.01
C THR A 110 -4.34 23.66 11.78
N THR A 111 -4.57 24.87 11.26
CA THR A 111 -3.85 25.32 10.08
C THR A 111 -2.35 25.33 10.32
N GLN A 112 -1.96 25.71 11.53
CA GLN A 112 -0.55 25.72 11.92
C GLN A 112 0.07 24.33 11.87
N PHE A 113 -0.52 23.39 12.60
CA PHE A 113 0.00 22.03 12.65
C PHE A 113 -0.02 21.33 11.28
N VAL A 114 -1.13 21.46 10.57
CA VAL A 114 -1.28 20.79 9.27
C VAL A 114 -0.24 21.28 8.27
N THR A 115 0.02 22.58 8.27
CA THR A 115 0.98 23.18 7.33
C THR A 115 2.39 22.63 7.54
N ILE A 116 2.81 22.56 8.79
CA ILE A 116 4.12 22.05 9.16
C ILE A 116 4.29 20.57 8.80
N PHE A 117 3.28 19.77 9.11
CA PHE A 117 3.35 18.33 8.85
C PHE A 117 3.29 18.00 7.36
N GLU A 118 2.44 18.70 6.61
CA GLU A 118 2.27 18.43 5.19
C GLU A 118 3.48 18.87 4.37
N SER A 119 4.06 20.01 4.76
CA SER A 119 5.28 20.48 4.13
C SER A 119 6.46 19.81 4.83
N MET A 120 6.50 18.49 4.74
CA MET A 120 7.46 17.69 5.50
C MET A 120 7.62 16.33 4.81
N ASP A 121 8.85 16.02 4.42
CA ASP A 121 9.12 14.81 3.62
C ASP A 121 9.06 13.53 4.44
N ASN A 122 7.94 13.28 5.09
CA ASN A 122 7.75 12.09 5.90
C ASN A 122 6.35 11.52 5.75
N GLU A 123 6.26 10.22 5.51
CA GLU A 123 4.98 9.56 5.31
C GLU A 123 4.06 9.67 6.53
N TYR A 124 4.56 9.25 7.68
CA TYR A 124 3.78 9.30 8.91
C TYR A 124 3.27 10.71 9.22
N MET A 125 4.15 11.70 9.06
CA MET A 125 3.77 13.09 9.30
C MET A 125 2.68 13.57 8.34
N LYS A 126 2.79 13.17 7.08
CA LYS A 126 1.76 13.50 6.10
C LYS A 126 0.45 12.80 6.43
N GLU A 127 0.55 11.64 7.08
CA GLU A 127 -0.63 10.87 7.47
C GLU A 127 -1.38 11.53 8.62
N ARG A 128 -0.64 12.07 9.57
CA ARG A 128 -1.26 12.74 10.72
C ARG A 128 -1.99 14.01 10.29
N ALA A 129 -1.37 14.77 9.40
CA ALA A 129 -2.01 15.97 8.87
C ALA A 129 -3.35 15.61 8.23
N ALA A 130 -3.38 14.55 7.44
CA ALA A 130 -4.60 14.08 6.82
C ALA A 130 -5.69 13.77 7.86
N ASP A 131 -5.29 13.11 8.94
CA ASP A 131 -6.23 12.77 10.01
C ASP A 131 -6.74 14.01 10.72
N ILE A 132 -5.82 14.92 11.05
CA ILE A 132 -6.18 16.16 11.72
C ILE A 132 -7.16 16.97 10.87
N ARG A 133 -7.02 16.88 9.55
CA ARG A 133 -7.97 17.54 8.65
C ARG A 133 -9.37 16.96 8.84
N ASP A 134 -9.48 15.63 8.79
CA ASP A 134 -10.76 14.97 8.94
C ASP A 134 -11.44 15.29 10.27
N VAL A 135 -10.68 15.24 11.35
CA VAL A 135 -11.25 15.44 12.68
C VAL A 135 -11.59 16.91 12.99
N SER A 136 -10.73 17.83 12.58
CA SER A 136 -11.00 19.24 12.78
C SER A 136 -12.30 19.64 12.08
N LYS A 137 -12.48 19.17 10.85
CA LYS A 137 -13.71 19.45 10.11
C LYS A 137 -14.92 18.95 10.92
N ARG A 138 -14.83 17.73 11.42
CA ARG A 138 -15.88 17.17 12.25
C ARG A 138 -16.10 18.01 13.52
N VAL A 139 -15.03 18.23 14.28
CA VAL A 139 -15.11 19.01 15.51
C VAL A 139 -15.67 20.41 15.24
N LEU A 140 -15.18 21.05 14.19
CA LEU A 140 -15.62 22.39 13.82
C LEU A 140 -17.11 22.36 13.49
N SER A 141 -17.50 21.34 12.72
CA SER A 141 -18.90 21.13 12.39
C SER A 141 -19.81 21.23 13.63
N HIS A 142 -19.45 20.49 14.68
CA HIS A 142 -20.21 20.55 15.93
C HIS A 142 -20.26 21.98 16.47
N ILE A 143 -19.11 22.64 16.50
CA ILE A 143 -19.00 23.98 17.08
C ILE A 143 -19.90 24.99 16.37
N LEU A 144 -20.05 24.86 15.06
CA LEU A 144 -20.87 25.79 14.29
C LEU A 144 -22.34 25.34 14.19
N GLY A 145 -22.68 24.24 14.86
CA GLY A 145 -24.04 23.74 14.83
C GLY A 145 -24.47 23.33 13.43
N VAL A 146 -23.59 22.63 12.74
CA VAL A 146 -23.88 22.16 11.39
C VAL A 146 -23.54 20.66 11.29
N GLU A 147 -23.99 20.01 10.22
CA GLU A 147 -23.79 18.57 10.11
C GLU A 147 -22.91 18.16 8.92
N LEU A 148 -22.14 17.11 9.12
CA LEU A 148 -21.32 16.52 8.08
C LEU A 148 -22.20 15.67 7.16
N PRO A 149 -21.66 15.28 6.00
CA PRO A 149 -22.36 14.37 5.09
C PRO A 149 -22.25 12.93 5.58
N ASN A 150 -23.04 12.02 5.00
CA ASN A 150 -22.95 10.60 5.32
C ASN A 150 -23.71 9.70 4.35
N PRO A 151 -24.01 8.48 4.78
CA PRO A 151 -24.79 7.55 3.97
C PRO A 151 -26.07 7.16 4.70
N SER A 152 -27.18 7.80 4.30
CA SER A 152 -28.47 7.55 4.92
C SER A 152 -29.51 7.12 3.89
N MET A 153 -29.11 6.99 2.64
CA MET A 153 -29.99 6.50 1.58
C MET A 153 -30.18 5.00 1.75
N ILE A 154 -31.42 4.50 1.83
CA ILE A 154 -32.68 5.23 1.61
C ILE A 154 -32.98 5.49 0.13
N ASP A 155 -32.46 4.62 -0.72
CA ASP A 155 -32.79 4.62 -2.14
C ASP A 155 -32.34 5.88 -2.89
N GLU A 156 -31.95 5.69 -4.14
CA GLU A 156 -31.94 4.37 -4.74
C GLU A 156 -30.53 4.00 -5.11
N SER A 157 -30.39 3.31 -6.25
CA SER A 157 -29.08 3.10 -6.81
C SER A 157 -28.53 4.45 -7.28
N VAL A 158 -27.47 4.90 -6.61
CA VAL A 158 -26.84 6.17 -6.95
C VAL A 158 -25.33 6.00 -7.16
N VAL A 159 -24.76 6.95 -7.88
CA VAL A 159 -23.31 7.10 -7.95
C VAL A 159 -22.94 8.33 -7.14
N ILE A 160 -22.10 8.16 -6.13
CA ILE A 160 -21.71 9.25 -5.26
C ILE A 160 -20.78 10.24 -5.96
N VAL A 161 -21.21 11.48 -6.09
CA VAL A 161 -20.35 12.52 -6.65
C VAL A 161 -20.01 13.55 -5.57
N GLY A 162 -18.72 13.86 -5.44
CA GLY A 162 -18.29 14.81 -4.43
C GLY A 162 -16.81 15.17 -4.58
N ASN A 163 -16.36 16.10 -3.74
CA ASN A 163 -14.97 16.53 -3.80
C ASN A 163 -14.02 15.43 -3.35
N ASP A 164 -14.31 14.86 -2.20
CA ASP A 164 -13.50 13.78 -1.64
C ASP A 164 -14.28 13.01 -0.59
N LEU A 165 -14.06 11.70 -0.53
CA LEU A 165 -14.70 10.86 0.47
C LEU A 165 -13.80 10.67 1.67
N THR A 166 -14.25 11.10 2.84
CA THR A 166 -13.47 10.93 4.05
C THR A 166 -13.50 9.45 4.45
N PRO A 167 -12.43 8.98 5.12
CA PRO A 167 -12.37 7.59 5.56
C PRO A 167 -13.62 7.18 6.34
N SER A 168 -14.31 8.16 6.91
CA SER A 168 -15.51 7.91 7.68
C SER A 168 -16.72 7.66 6.77
N ASP A 169 -16.75 8.36 5.63
CA ASP A 169 -17.81 8.20 4.66
C ASP A 169 -17.74 6.86 3.93
N THR A 170 -16.55 6.51 3.46
CA THR A 170 -16.34 5.28 2.72
C THR A 170 -16.66 4.04 3.54
N ALA A 171 -16.43 4.11 4.84
CA ALA A 171 -16.71 2.97 5.71
C ALA A 171 -18.22 2.87 5.99
N GLN A 172 -18.95 3.92 5.64
CA GLN A 172 -20.39 3.94 5.84
C GLN A 172 -21.15 3.58 4.57
N LEU A 173 -20.41 3.33 3.49
CA LEU A 173 -21.02 3.05 2.20
C LEU A 173 -21.78 1.72 2.19
N ASN A 174 -23.02 1.76 1.70
CA ASN A 174 -23.83 0.57 1.57
C ASN A 174 -23.89 0.12 0.11
N LYS A 175 -23.07 -0.87 -0.22
CA LYS A 175 -22.93 -1.35 -1.59
C LYS A 175 -24.27 -1.74 -2.23
N GLU A 176 -25.30 -1.89 -1.41
CA GLU A 176 -26.63 -2.22 -1.90
C GLU A 176 -27.22 -1.10 -2.75
N PHE A 177 -26.93 0.14 -2.35
CA PHE A 177 -27.45 1.31 -3.04
C PHE A 177 -26.34 2.07 -3.79
N VAL A 178 -25.19 2.20 -3.15
CA VAL A 178 -24.05 2.89 -3.75
C VAL A 178 -23.38 2.03 -4.81
N GLN A 179 -23.68 2.31 -6.09
CA GLN A 179 -23.10 1.57 -7.19
C GLN A 179 -21.61 1.89 -7.34
N GLY A 180 -21.25 3.13 -7.07
CA GLY A 180 -19.87 3.58 -7.15
C GLY A 180 -19.75 5.07 -6.93
N PHE A 181 -18.52 5.57 -6.83
CA PHE A 181 -18.30 7.00 -6.62
C PHE A 181 -17.18 7.61 -7.47
N ALA A 182 -17.25 8.92 -7.66
CA ALA A 182 -16.22 9.67 -8.35
C ALA A 182 -15.99 11.02 -7.68
N THR A 183 -14.73 11.33 -7.38
CA THR A 183 -14.42 12.57 -6.66
C THR A 183 -13.39 13.45 -7.37
N ASN A 184 -13.38 14.73 -7.02
CA ASN A 184 -12.42 15.69 -7.56
C ASN A 184 -10.99 15.32 -7.18
N ILE A 185 -10.78 15.02 -5.90
CA ILE A 185 -9.45 14.72 -5.41
C ILE A 185 -9.40 13.34 -4.78
N GLY A 186 -8.24 12.96 -4.27
CA GLY A 186 -8.06 11.64 -3.68
C GLY A 186 -6.99 10.87 -4.43
N GLY A 187 -6.59 9.73 -3.87
CA GLY A 187 -5.51 8.96 -4.47
C GLY A 187 -5.83 7.48 -4.61
N ARG A 188 -5.16 6.84 -5.57
CA ARG A 188 -5.33 5.41 -5.81
C ARG A 188 -4.83 4.62 -4.61
N THR A 189 -3.96 5.24 -3.81
CA THR A 189 -3.36 4.56 -2.68
C THR A 189 -3.87 5.07 -1.33
N SER A 190 -4.89 5.93 -1.37
CA SER A 190 -5.48 6.46 -0.13
C SER A 190 -6.29 5.41 0.62
N ALA A 191 -6.44 5.59 1.92
CA ALA A 191 -7.13 4.62 2.76
C ALA A 191 -8.56 4.38 2.31
N SER A 192 -9.29 5.48 2.09
CA SER A 192 -10.67 5.40 1.63
C SER A 192 -10.76 4.68 0.28
N ALA A 193 -9.83 4.99 -0.61
CA ALA A 193 -9.80 4.37 -1.94
C ALA A 193 -9.35 2.92 -1.88
N ILE A 194 -8.85 2.50 -0.72
CA ILE A 194 -8.46 1.11 -0.52
C ILE A 194 -9.65 0.31 0.01
N MET A 195 -10.44 0.95 0.87
CA MET A 195 -11.67 0.35 1.34
C MET A 195 -12.62 0.15 0.15
N SER A 196 -12.43 0.96 -0.88
CA SER A 196 -13.27 0.93 -2.07
C SER A 196 -13.16 -0.40 -2.80
N ARG A 197 -11.94 -0.77 -3.17
CA ARG A 197 -11.70 -2.02 -3.88
C ARG A 197 -11.98 -3.24 -3.00
N SER A 198 -12.05 -3.00 -1.70
CA SER A 198 -12.39 -4.06 -0.75
C SER A 198 -13.88 -4.36 -0.79
N LEU A 199 -14.68 -3.30 -0.94
CA LEU A 199 -16.12 -3.42 -1.05
C LEU A 199 -16.52 -3.68 -2.50
N GLU A 200 -15.53 -3.99 -3.33
CA GLU A 200 -15.70 -4.13 -4.78
C GLU A 200 -16.73 -3.14 -5.35
N ILE A 201 -16.54 -1.87 -5.00
CA ILE A 201 -17.36 -0.78 -5.49
C ILE A 201 -16.56 0.07 -6.46
N PRO A 202 -16.96 0.08 -7.74
CA PRO A 202 -16.29 0.85 -8.80
C PRO A 202 -16.03 2.28 -8.37
N ALA A 203 -14.84 2.79 -8.64
CA ALA A 203 -14.52 4.17 -8.27
C ALA A 203 -13.39 4.76 -9.12
N ILE A 204 -13.55 6.01 -9.53
CA ILE A 204 -12.41 6.76 -10.08
C ILE A 204 -12.19 8.02 -9.27
N VAL A 205 -10.94 8.41 -9.11
CA VAL A 205 -10.60 9.48 -8.20
C VAL A 205 -9.69 10.53 -8.87
N GLY A 206 -9.49 11.65 -8.19
CA GLY A 206 -8.61 12.71 -8.66
C GLY A 206 -8.95 13.21 -10.05
N THR A 207 -10.17 13.73 -10.21
CA THR A 207 -10.63 14.24 -11.50
C THR A 207 -10.61 15.76 -11.54
N LYS A 208 -10.60 16.37 -10.36
CA LYS A 208 -10.53 17.82 -10.22
C LYS A 208 -11.81 18.57 -10.58
N SER A 209 -12.50 18.11 -11.63
CA SER A 209 -13.58 18.89 -12.21
C SER A 209 -14.97 18.28 -12.04
N ILE A 210 -15.01 17.00 -11.70
CA ILE A 210 -16.27 16.25 -11.62
C ILE A 210 -17.39 16.99 -10.89
N THR A 211 -17.07 17.61 -9.77
CA THR A 211 -18.07 18.30 -8.97
C THR A 211 -18.75 19.41 -9.75
N GLN A 212 -17.97 20.15 -10.55
CA GLN A 212 -18.52 21.25 -11.31
C GLN A 212 -19.16 20.79 -12.61
N GLU A 213 -19.12 19.48 -12.86
CA GLU A 213 -19.60 18.93 -14.12
C GLU A 213 -20.94 18.20 -13.98
N VAL A 214 -21.41 18.06 -12.75
CA VAL A 214 -22.59 17.22 -12.48
C VAL A 214 -23.68 17.89 -11.65
N LYS A 215 -24.92 17.73 -12.09
CA LYS A 215 -26.09 18.20 -11.36
C LYS A 215 -26.83 17.01 -10.75
N GLN A 216 -27.41 17.19 -9.57
CA GLN A 216 -28.13 16.13 -8.88
C GLN A 216 -29.18 15.46 -9.79
N GLY A 217 -29.12 14.14 -9.89
CA GLY A 217 -30.11 13.40 -10.66
C GLY A 217 -29.63 12.95 -12.03
N ASP A 218 -28.52 13.54 -12.48
CA ASP A 218 -27.94 13.17 -13.76
C ASP A 218 -27.57 11.70 -13.77
N MET A 219 -27.74 11.06 -14.93
CA MET A 219 -27.25 9.69 -15.09
C MET A 219 -25.73 9.73 -15.16
N ILE A 220 -25.09 8.90 -14.35
CA ILE A 220 -23.65 8.83 -14.32
C ILE A 220 -23.20 7.41 -14.55
N ILE A 221 -22.20 7.24 -15.41
CA ILE A 221 -21.52 5.95 -15.51
C ILE A 221 -20.08 6.11 -15.08
N VAL A 222 -19.62 5.19 -14.23
CA VAL A 222 -18.26 5.21 -13.73
C VAL A 222 -17.50 4.01 -14.27
N ASP A 223 -16.58 4.26 -15.19
CA ASP A 223 -15.78 3.19 -15.78
C ASP A 223 -14.46 3.02 -15.02
N GLY A 224 -14.54 2.35 -13.88
CA GLY A 224 -13.37 2.09 -13.07
C GLY A 224 -12.36 1.16 -13.74
N LEU A 225 -12.71 0.67 -14.93
CA LEU A 225 -11.77 -0.16 -15.68
C LEU A 225 -10.70 0.66 -16.38
N ASN A 226 -11.10 1.64 -17.19
CA ASN A 226 -10.14 2.48 -17.89
C ASN A 226 -10.04 3.90 -17.32
N GLY A 227 -10.83 4.19 -16.29
CA GLY A 227 -10.68 5.42 -15.54
C GLY A 227 -11.40 6.68 -16.03
N ASP A 228 -12.43 6.54 -16.85
CA ASP A 228 -13.16 7.72 -17.29
C ASP A 228 -14.63 7.79 -16.83
N VAL A 229 -15.07 9.00 -16.49
CA VAL A 229 -16.46 9.23 -16.04
C VAL A 229 -17.29 9.82 -17.17
N ILE A 230 -18.55 9.41 -17.25
CA ILE A 230 -19.45 9.95 -18.27
C ILE A 230 -20.73 10.50 -17.66
N VAL A 231 -20.97 11.80 -17.89
CA VAL A 231 -22.15 12.46 -17.36
C VAL A 231 -23.22 12.59 -18.43
N ASN A 232 -24.46 12.25 -18.08
CA ASN A 232 -25.57 12.31 -19.02
C ASN A 232 -25.31 11.53 -20.30
N PRO A 233 -25.25 10.20 -20.20
CA PRO A 233 -24.91 9.33 -21.32
C PRO A 233 -25.94 9.39 -22.44
N THR A 234 -25.49 9.39 -23.68
CA THR A 234 -26.38 9.29 -24.82
C THR A 234 -26.99 7.89 -24.84
N GLU A 235 -28.04 7.71 -25.62
CA GLU A 235 -28.71 6.41 -25.72
C GLU A 235 -27.73 5.31 -26.13
N ASP A 236 -26.85 5.62 -27.06
CA ASP A 236 -25.88 4.64 -27.55
C ASP A 236 -24.81 4.30 -26.50
N GLU A 237 -24.41 5.30 -25.73
CA GLU A 237 -23.39 5.10 -24.70
C GLU A 237 -23.93 4.23 -23.57
N LEU A 238 -25.20 4.42 -23.23
CA LEU A 238 -25.85 3.65 -22.18
C LEU A 238 -25.89 2.19 -22.57
N ILE A 239 -26.35 1.94 -23.80
CA ILE A 239 -26.44 0.59 -24.31
C ILE A 239 -25.07 -0.08 -24.28
N ALA A 240 -24.04 0.65 -24.70
CA ALA A 240 -22.69 0.08 -24.80
C ALA A 240 -22.05 -0.23 -23.45
N TYR A 241 -22.32 0.61 -22.45
CA TYR A 241 -21.71 0.43 -21.14
C TYR A 241 -22.47 -0.59 -20.28
N GLN A 242 -23.74 -0.80 -20.60
CA GLN A 242 -24.50 -1.87 -19.99
C GLN A 242 -23.84 -3.20 -20.33
N ASP A 243 -23.45 -3.35 -21.59
CA ASP A 243 -22.81 -4.57 -22.05
C ASP A 243 -21.44 -4.71 -21.39
N LYS A 244 -20.74 -3.59 -21.25
CA LYS A 244 -19.43 -3.61 -20.61
C LYS A 244 -19.55 -4.03 -19.14
N ARG A 245 -20.60 -3.57 -18.47
CA ARG A 245 -20.83 -3.98 -17.09
C ARG A 245 -21.05 -5.48 -16.99
N GLU A 246 -21.73 -6.04 -17.99
CA GLU A 246 -22.02 -7.47 -17.99
C GLU A 246 -20.77 -8.28 -18.29
N ARG A 247 -20.00 -7.83 -19.27
CA ARG A 247 -18.75 -8.49 -19.59
C ARG A 247 -17.90 -8.53 -18.33
N TYR A 248 -17.92 -7.43 -17.58
CA TYR A 248 -17.19 -7.36 -16.33
C TYR A 248 -17.58 -8.51 -15.40
N PHE A 249 -18.88 -8.71 -15.22
CA PHE A 249 -19.36 -9.80 -14.38
C PHE A 249 -18.95 -11.17 -14.93
N ALA A 250 -19.00 -11.32 -16.24
CA ALA A 250 -18.57 -12.55 -16.88
C ALA A 250 -17.10 -12.81 -16.57
N ASP A 251 -16.26 -11.81 -16.80
CA ASP A 251 -14.83 -11.93 -16.55
C ASP A 251 -14.54 -12.33 -15.11
N LYS A 252 -15.26 -11.74 -14.16
CA LYS A 252 -15.16 -12.14 -12.75
C LYS A 252 -15.30 -13.65 -12.61
N LYS A 253 -16.28 -14.22 -13.30
CA LYS A 253 -16.54 -15.66 -13.24
C LYS A 253 -15.34 -16.50 -13.68
N GLU A 254 -14.88 -16.27 -14.91
CA GLU A 254 -13.79 -17.04 -15.49
C GLU A 254 -12.50 -16.80 -14.72
N LEU A 255 -12.50 -15.74 -13.93
CA LEU A 255 -11.33 -15.35 -13.13
C LEU A 255 -11.23 -16.19 -11.86
N GLN A 256 -12.34 -16.79 -11.44
CA GLN A 256 -12.36 -17.62 -10.24
C GLN A 256 -11.97 -19.05 -10.56
N LYS A 257 -11.99 -19.39 -11.85
CA LYS A 257 -11.60 -20.72 -12.30
C LYS A 257 -10.09 -20.80 -12.43
N LEU A 258 -9.41 -19.75 -12.00
CA LEU A 258 -7.96 -19.67 -12.11
C LEU A 258 -7.28 -19.77 -10.75
N ARG A 259 -8.07 -19.73 -9.69
CA ARG A 259 -7.52 -19.77 -8.33
C ARG A 259 -6.69 -21.01 -8.06
N ASP A 260 -6.99 -22.09 -8.77
CA ASP A 260 -6.25 -23.34 -8.59
C ASP A 260 -5.51 -23.74 -9.86
N ALA A 261 -5.54 -22.85 -10.85
CA ALA A 261 -4.88 -23.10 -12.13
C ALA A 261 -3.43 -22.66 -12.09
N ASP A 262 -2.59 -23.28 -12.91
CA ASP A 262 -1.16 -22.94 -12.91
C ASP A 262 -0.88 -21.78 -13.87
N THR A 263 0.13 -20.98 -13.54
CA THR A 263 0.52 -19.86 -14.37
C THR A 263 1.51 -20.31 -15.46
N VAL A 264 1.02 -20.39 -16.69
CA VAL A 264 1.82 -20.85 -17.80
C VAL A 264 1.50 -20.04 -19.05
N THR A 265 2.53 -19.48 -19.67
CA THR A 265 2.35 -18.70 -20.88
C THR A 265 1.90 -19.59 -22.02
N VAL A 266 1.37 -18.97 -23.08
CA VAL A 266 0.89 -19.71 -24.24
C VAL A 266 1.96 -20.67 -24.79
N ASP A 267 3.23 -20.29 -24.65
CA ASP A 267 4.32 -21.10 -25.16
C ASP A 267 5.00 -21.95 -24.09
N GLY A 268 4.28 -22.24 -23.02
CA GLY A 268 4.71 -23.23 -22.04
C GLY A 268 5.67 -22.75 -20.97
N VAL A 269 5.91 -21.44 -20.92
CA VAL A 269 6.83 -20.87 -19.95
C VAL A 269 6.12 -20.59 -18.63
N HIS A 270 6.62 -21.20 -17.55
CA HIS A 270 5.99 -21.07 -16.24
C HIS A 270 6.42 -19.82 -15.48
N ALA A 271 5.53 -19.32 -14.62
CA ALA A 271 5.88 -18.27 -13.68
C ALA A 271 5.20 -18.55 -12.36
N GLU A 272 5.57 -17.81 -11.33
CA GLU A 272 5.02 -18.03 -10.00
C GLU A 272 4.47 -16.72 -9.44
N LEU A 273 3.18 -16.72 -9.13
CA LEU A 273 2.50 -15.54 -8.61
C LEU A 273 2.34 -15.65 -7.11
N ALA A 274 3.03 -14.77 -6.39
CA ALA A 274 3.05 -14.83 -4.93
C ALA A 274 2.41 -13.59 -4.32
N ALA A 275 2.28 -13.57 -3.00
CA ALA A 275 1.66 -12.44 -2.32
C ALA A 275 2.56 -11.79 -1.28
N ASN A 276 2.49 -10.46 -1.17
CA ASN A 276 3.24 -9.72 -0.16
C ASN A 276 2.40 -9.46 1.07
N ILE A 277 2.85 -9.94 2.23
CA ILE A 277 2.11 -9.74 3.47
C ILE A 277 2.98 -9.07 4.54
N GLY A 278 2.38 -8.13 5.27
CA GLY A 278 3.07 -7.44 6.35
C GLY A 278 2.57 -7.90 7.71
N THR A 279 1.38 -8.48 7.72
CA THR A 279 0.79 -9.02 8.94
C THR A 279 0.07 -10.34 8.65
N PRO A 280 0.16 -11.30 9.59
CA PRO A 280 -0.48 -12.62 9.46
C PRO A 280 -2.00 -12.52 9.33
N ASN A 281 -2.54 -11.30 9.38
CA ASN A 281 -3.95 -11.09 9.16
C ASN A 281 -4.28 -11.01 7.67
N ASP A 282 -3.23 -11.04 6.85
CA ASP A 282 -3.40 -10.96 5.40
C ASP A 282 -3.44 -12.34 4.76
N LEU A 283 -3.37 -13.37 5.58
CA LEU A 283 -3.38 -14.75 5.09
C LEU A 283 -4.70 -15.12 4.40
N PRO A 284 -5.84 -14.80 5.02
CA PRO A 284 -7.12 -15.13 4.39
C PRO A 284 -7.15 -14.72 2.92
N GLY A 285 -6.79 -13.47 2.65
CA GLY A 285 -6.79 -12.96 1.29
C GLY A 285 -5.90 -13.77 0.37
N VAL A 286 -4.82 -14.30 0.91
CA VAL A 286 -3.82 -15.01 0.12
C VAL A 286 -4.31 -16.33 -0.48
N ILE A 287 -4.77 -17.23 0.39
CA ILE A 287 -5.22 -18.56 -0.06
C ILE A 287 -6.45 -18.42 -0.93
N GLU A 288 -7.33 -17.49 -0.52
CA GLU A 288 -8.54 -17.17 -1.25
C GLU A 288 -8.26 -16.76 -2.70
N ASN A 289 -7.16 -16.06 -2.93
CA ASN A 289 -6.82 -15.57 -4.26
C ASN A 289 -5.90 -16.50 -5.07
N GLY A 290 -5.82 -17.76 -4.65
CA GLY A 290 -5.02 -18.75 -5.37
C GLY A 290 -3.56 -18.37 -5.57
N ALA A 291 -2.89 -17.99 -4.48
CA ALA A 291 -1.50 -17.57 -4.54
C ALA A 291 -0.53 -18.75 -4.55
N GLN A 292 0.52 -18.64 -5.33
CA GLN A 292 1.58 -19.65 -5.35
C GLN A 292 2.61 -19.36 -4.26
N GLY A 293 2.13 -19.09 -3.05
CA GLY A 293 3.00 -18.86 -1.91
C GLY A 293 3.15 -17.39 -1.56
N ILE A 294 4.12 -17.10 -0.69
CA ILE A 294 4.41 -15.73 -0.27
C ILE A 294 5.82 -15.36 -0.66
N GLY A 295 5.96 -14.31 -1.46
CA GLY A 295 7.25 -13.90 -1.98
C GLY A 295 7.90 -12.81 -1.13
N LEU A 296 7.09 -12.14 -0.33
CA LEU A 296 7.57 -11.11 0.59
C LEU A 296 6.76 -11.15 1.88
N TYR A 297 7.45 -11.40 2.99
CA TYR A 297 6.83 -11.34 4.30
C TYR A 297 7.56 -10.27 5.12
N ARG A 298 6.98 -9.07 5.17
CA ARG A 298 7.56 -7.97 5.95
C ARG A 298 7.41 -8.21 7.45
N THR A 299 8.56 -8.31 8.14
CA THR A 299 8.54 -8.61 9.58
C THR A 299 8.77 -7.38 10.45
N GLU A 300 8.59 -6.19 9.86
CA GLU A 300 8.72 -4.95 10.62
C GLU A 300 7.51 -4.71 11.53
N PHE A 301 6.34 -5.17 11.09
CA PHE A 301 5.12 -5.03 11.86
C PHE A 301 5.24 -5.73 13.22
N LEU A 302 6.15 -6.71 13.28
CA LEU A 302 6.38 -7.46 14.51
C LEU A 302 7.19 -6.66 15.51
N TYR A 303 8.16 -5.91 15.00
CA TYR A 303 9.06 -5.12 15.84
C TYR A 303 8.47 -3.76 16.21
N MET A 304 7.64 -3.20 15.33
CA MET A 304 7.12 -1.86 15.52
C MET A 304 5.94 -1.78 16.50
N GLY A 305 5.80 -0.64 17.16
CA GLY A 305 4.70 -0.41 18.07
C GLY A 305 4.68 -1.32 19.28
N ARG A 306 5.84 -1.53 19.89
CA ARG A 306 5.94 -2.40 21.05
C ARG A 306 6.84 -1.79 22.13
N ASP A 307 6.71 -2.30 23.35
CA ASP A 307 7.55 -1.83 24.45
C ASP A 307 8.99 -2.26 24.23
N GLN A 308 9.21 -3.56 24.12
CA GLN A 308 10.53 -4.10 23.83
C GLN A 308 10.46 -4.97 22.58
N MET A 309 11.60 -5.13 21.91
CA MET A 309 11.66 -5.92 20.68
C MET A 309 11.15 -7.34 20.92
N PRO A 310 10.40 -7.89 19.95
CA PRO A 310 9.76 -9.21 20.05
C PRO A 310 10.73 -10.33 20.40
N THR A 311 10.38 -11.13 21.40
CA THR A 311 11.18 -12.28 21.80
C THR A 311 11.22 -13.31 20.68
N GLU A 312 12.18 -14.23 20.76
CA GLU A 312 12.30 -15.30 19.78
C GLU A 312 11.01 -16.12 19.72
N GLU A 313 10.32 -16.17 20.85
CA GLU A 313 9.08 -16.93 20.95
C GLU A 313 7.97 -16.36 20.08
N GLU A 314 7.65 -15.09 20.30
CA GLU A 314 6.61 -14.42 19.50
C GLU A 314 6.87 -14.68 18.02
N GLN A 315 8.10 -14.40 17.59
CA GLN A 315 8.50 -14.56 16.20
C GLN A 315 8.26 -15.98 15.71
N PHE A 316 8.81 -16.96 16.42
CA PHE A 316 8.62 -18.35 16.08
C PHE A 316 7.14 -18.70 15.92
N GLU A 317 6.30 -18.12 16.77
CA GLU A 317 4.86 -18.35 16.70
C GLU A 317 4.28 -17.90 15.36
N ALA A 318 4.66 -16.70 14.93
CA ALA A 318 4.11 -16.11 13.71
C ALA A 318 4.63 -16.82 12.46
N TYR A 319 5.91 -17.15 12.46
CA TYR A 319 6.52 -17.84 11.34
C TYR A 319 5.93 -19.25 11.17
N LYS A 320 5.77 -19.96 12.29
CA LYS A 320 5.18 -21.29 12.28
C LYS A 320 3.76 -21.26 11.72
N GLU A 321 2.99 -20.25 12.11
CA GLU A 321 1.60 -20.12 11.67
C GLU A 321 1.49 -19.99 10.16
N VAL A 322 2.33 -19.14 9.59
CA VAL A 322 2.30 -18.89 8.16
C VAL A 322 2.72 -20.13 7.37
N LEU A 323 3.84 -20.71 7.75
CA LEU A 323 4.38 -21.90 7.09
C LEU A 323 3.35 -23.03 7.06
N GLU A 324 2.56 -23.14 8.11
CA GLU A 324 1.48 -24.11 8.15
C GLU A 324 0.37 -23.71 7.20
N ALA A 325 -0.08 -22.46 7.29
CA ALA A 325 -1.19 -21.97 6.47
C ALA A 325 -0.94 -22.15 4.98
N MET A 326 0.32 -22.31 4.60
CA MET A 326 0.70 -22.43 3.20
C MET A 326 0.85 -23.88 2.73
N GLY A 327 0.67 -24.82 3.65
CA GLY A 327 0.72 -26.24 3.34
C GLY A 327 1.80 -26.66 2.35
N GLY A 328 3.00 -26.12 2.50
CA GLY A 328 4.13 -26.54 1.68
C GLY A 328 4.52 -25.54 0.61
N LYS A 329 3.72 -24.48 0.47
CA LYS A 329 4.03 -23.43 -0.50
C LYS A 329 5.10 -22.48 0.04
N ARG A 330 5.95 -22.04 -0.88
CA ARG A 330 7.08 -21.17 -0.56
C ARG A 330 6.67 -19.95 0.27
N VAL A 331 7.46 -19.65 1.29
CA VAL A 331 7.28 -18.46 2.10
C VAL A 331 8.62 -17.75 2.25
N VAL A 332 8.76 -16.60 1.61
CA VAL A 332 10.00 -15.83 1.67
C VAL A 332 9.92 -14.75 2.73
N VAL A 333 10.59 -15.00 3.86
CA VAL A 333 10.60 -14.07 4.98
C VAL A 333 11.78 -13.12 4.90
N ARG A 334 11.51 -11.82 5.06
CA ARG A 334 12.55 -10.81 4.96
C ARG A 334 13.05 -10.34 6.33
N THR A 335 14.37 -10.47 6.52
CA THR A 335 15.04 -9.97 7.71
C THR A 335 14.60 -8.56 8.05
N LEU A 336 14.57 -8.24 9.34
CA LEU A 336 14.19 -6.90 9.80
C LEU A 336 14.83 -5.80 8.96
N ASP A 337 13.99 -4.95 8.38
CA ASP A 337 14.48 -3.81 7.61
C ASP A 337 13.63 -2.58 7.89
N ILE A 338 13.89 -1.93 9.02
CA ILE A 338 13.18 -0.72 9.38
C ILE A 338 13.84 0.49 8.70
N GLY A 339 13.05 1.24 7.96
CA GLY A 339 13.56 2.41 7.26
C GLY A 339 14.26 3.38 8.20
N GLY A 340 15.37 3.94 7.74
CA GLY A 340 16.12 4.88 8.55
C GLY A 340 15.26 6.03 9.05
N ASP A 341 14.26 6.40 8.26
CA ASP A 341 13.33 7.46 8.63
C ASP A 341 12.02 6.87 9.16
N LYS A 342 12.12 6.06 10.21
CA LYS A 342 10.95 5.42 10.80
C LYS A 342 10.92 5.63 12.32
N GLU A 343 9.87 5.12 12.94
CA GLU A 343 9.68 5.31 14.38
C GLU A 343 10.74 4.60 15.20
N LEU A 344 10.40 3.44 15.75
CA LEU A 344 11.29 2.69 16.62
C LEU A 344 11.65 3.53 17.85
N SER A 345 10.63 3.93 18.60
CA SER A 345 10.83 4.73 19.80
C SER A 345 11.18 3.83 21.00
N TYR A 346 12.11 2.90 20.78
CA TYR A 346 12.53 1.98 21.82
C TYR A 346 13.93 1.43 21.54
N LEU A 347 14.55 1.93 20.48
CA LEU A 347 15.85 1.45 20.06
C LEU A 347 16.89 2.58 20.06
N ASN A 348 18.16 2.20 20.17
CA ASN A 348 19.26 3.17 20.16
C ASN A 348 19.81 3.33 18.75
N LEU A 349 19.62 4.51 18.17
CA LEU A 349 20.11 4.80 16.82
C LEU A 349 20.40 6.28 16.65
N PRO A 350 21.56 6.58 16.08
CA PRO A 350 21.99 7.96 15.86
C PRO A 350 21.02 8.69 14.91
N GLU A 351 21.03 10.01 14.96
CA GLU A 351 20.14 10.81 14.14
C GLU A 351 20.49 10.68 12.65
N GLU A 352 21.78 10.56 12.36
CA GLU A 352 22.30 10.40 10.99
C GLU A 352 21.73 11.37 9.96
N MET A 353 22.62 12.15 9.35
CA MET A 353 22.23 13.16 8.37
C MET A 353 21.25 12.61 7.34
N ASN A 354 21.60 11.47 6.72
CA ASN A 354 20.75 10.84 5.71
C ASN A 354 20.46 9.35 5.98
N PRO A 355 19.39 9.08 6.74
CA PRO A 355 18.96 7.73 7.13
C PRO A 355 18.81 6.76 5.97
N PHE A 356 18.30 7.24 4.84
CA PHE A 356 18.03 6.35 3.71
C PHE A 356 19.31 5.83 3.05
N LEU A 357 20.46 6.32 3.50
CA LEU A 357 21.73 5.83 2.97
C LEU A 357 22.53 5.11 4.03
N GLY A 358 22.13 5.25 5.29
CA GLY A 358 22.97 4.85 6.39
C GLY A 358 22.60 3.57 7.13
N TYR A 359 22.41 3.72 8.43
CA TYR A 359 22.27 2.59 9.34
C TYR A 359 20.84 2.04 9.30
N ARG A 360 20.66 0.98 8.53
CA ARG A 360 19.36 0.33 8.42
C ARG A 360 19.49 -1.07 7.86
N ALA A 361 18.40 -1.82 7.91
CA ALA A 361 18.35 -3.18 7.38
C ALA A 361 19.47 -4.04 7.92
N ILE A 362 20.19 -4.70 7.02
CA ILE A 362 21.21 -5.64 7.44
C ILE A 362 22.44 -4.92 7.98
N ARG A 363 22.62 -3.66 7.57
CA ARG A 363 23.67 -2.83 8.15
C ARG A 363 23.49 -2.78 9.66
N LEU A 364 22.28 -2.45 10.08
CA LEU A 364 21.91 -2.48 11.49
C LEU A 364 22.04 -3.90 12.03
N SER A 365 21.48 -4.85 11.28
CA SER A 365 21.52 -6.27 11.64
C SER A 365 22.91 -6.71 12.08
N LEU A 366 23.89 -6.52 11.19
CA LEU A 366 25.28 -6.79 11.54
C LEU A 366 25.75 -5.74 12.55
N ALA A 367 26.60 -6.14 13.47
CA ALA A 367 27.04 -5.25 14.54
C ALA A 367 25.98 -5.17 15.64
N GLN A 368 24.86 -5.86 15.43
CA GLN A 368 23.81 -5.96 16.44
C GLN A 368 23.30 -7.39 16.45
N GLN A 369 24.21 -8.34 16.57
CA GLN A 369 23.88 -9.75 16.42
C GLN A 369 23.06 -10.31 17.59
N ASP A 370 22.76 -9.46 18.57
CA ASP A 370 21.95 -9.87 19.71
C ASP A 370 20.49 -9.46 19.50
N ILE A 371 20.26 -8.72 18.43
CA ILE A 371 18.92 -8.24 18.09
C ILE A 371 18.53 -8.77 16.72
N PHE A 372 19.50 -9.33 16.01
CA PHE A 372 19.29 -9.88 14.68
C PHE A 372 19.24 -11.40 14.76
N ARG A 373 19.94 -11.95 15.74
CA ARG A 373 20.04 -13.40 15.92
C ARG A 373 18.72 -14.07 16.37
N PRO A 374 18.00 -13.44 17.33
CA PRO A 374 16.73 -14.03 17.77
C PRO A 374 15.81 -14.35 16.60
N GLN A 375 15.80 -13.50 15.58
CA GLN A 375 14.95 -13.71 14.43
C GLN A 375 15.34 -14.98 13.69
N LEU A 376 16.64 -15.15 13.48
CA LEU A 376 17.18 -16.27 12.74
C LEU A 376 16.91 -17.60 13.42
N ARG A 377 17.22 -17.68 14.71
CA ARG A 377 17.01 -18.90 15.48
C ARG A 377 15.52 -19.25 15.53
N ALA A 378 14.67 -18.24 15.32
CA ALA A 378 13.23 -18.46 15.29
C ALA A 378 12.78 -19.00 13.93
N LEU A 379 13.45 -18.53 12.88
CA LEU A 379 13.14 -18.98 11.53
C LEU A 379 13.62 -20.41 11.31
N LEU A 380 14.73 -20.76 11.95
CA LEU A 380 15.29 -22.11 11.82
C LEU A 380 14.42 -23.16 12.51
N ARG A 381 13.83 -22.79 13.64
CA ARG A 381 12.95 -23.71 14.37
C ARG A 381 11.58 -23.84 13.71
N ALA A 382 11.17 -22.81 12.98
CA ALA A 382 9.87 -22.79 12.33
C ALA A 382 9.92 -23.51 10.98
N SER A 383 11.12 -23.77 10.50
CA SER A 383 11.34 -24.28 9.14
C SER A 383 10.89 -25.73 8.98
N VAL A 384 10.76 -26.43 10.11
CA VAL A 384 10.38 -27.83 10.10
C VAL A 384 8.93 -28.02 9.68
N TYR A 385 8.21 -26.91 9.49
CA TYR A 385 6.81 -26.97 9.10
C TYR A 385 6.61 -26.81 7.59
N GLY A 386 6.60 -25.58 7.11
CA GLY A 386 6.41 -25.32 5.70
C GLY A 386 7.71 -25.12 4.94
N LYS A 387 7.59 -24.70 3.68
CA LYS A 387 8.76 -24.42 2.85
C LYS A 387 9.25 -22.99 3.08
N LEU A 388 10.39 -22.87 3.77
CA LEU A 388 10.90 -21.58 4.18
C LEU A 388 12.03 -21.04 3.30
N ASN A 389 11.92 -19.75 2.96
CA ASN A 389 13.01 -19.02 2.32
C ASN A 389 13.37 -17.78 3.14
N ILE A 390 14.67 -17.57 3.34
CA ILE A 390 15.14 -16.40 4.08
C ILE A 390 15.89 -15.48 3.14
N MET A 391 15.70 -14.17 3.29
CA MET A 391 16.43 -13.21 2.48
C MET A 391 16.74 -11.92 3.23
N PHE A 392 17.92 -11.37 2.96
CA PHE A 392 18.42 -10.19 3.68
C PHE A 392 18.28 -8.94 2.83
N PRO A 393 17.80 -7.84 3.44
CA PRO A 393 17.65 -6.54 2.77
C PRO A 393 18.97 -5.76 2.75
N MET A 394 19.11 -4.85 1.79
CA MET A 394 20.25 -3.93 1.71
C MET A 394 21.62 -4.61 1.79
N VAL A 395 21.81 -5.63 0.98
CA VAL A 395 23.11 -6.29 0.85
C VAL A 395 23.79 -5.69 -0.37
N ALA A 396 24.80 -4.86 -0.14
CA ALA A 396 25.44 -4.10 -1.21
C ALA A 396 26.72 -4.78 -1.66
N THR A 397 27.27 -5.59 -0.76
CA THR A 397 28.55 -6.23 -1.01
C THR A 397 28.51 -7.73 -0.67
N ILE A 398 29.49 -8.45 -1.18
CA ILE A 398 29.58 -9.90 -0.99
C ILE A 398 29.81 -10.32 0.45
N ASN A 399 30.96 -9.95 1.02
CA ASN A 399 31.29 -10.41 2.37
C ASN A 399 30.29 -9.96 3.45
N GLU A 400 29.38 -9.06 3.08
CA GLU A 400 28.24 -8.75 3.94
C GLU A 400 27.32 -9.96 3.96
N PHE A 401 27.06 -10.51 2.78
CA PHE A 401 26.26 -11.71 2.63
C PHE A 401 26.96 -12.90 3.28
N ARG A 402 28.28 -12.97 3.12
CA ARG A 402 29.05 -14.07 3.69
C ARG A 402 29.04 -14.03 5.23
N GLU A 403 29.06 -12.83 5.79
CA GLU A 403 28.99 -12.68 7.24
C GLU A 403 27.65 -13.13 7.78
N ALA A 404 26.57 -12.63 7.17
CA ALA A 404 25.21 -12.97 7.60
C ALA A 404 24.94 -14.47 7.46
N LYS A 405 25.29 -15.04 6.31
CA LYS A 405 25.17 -16.48 6.11
C LYS A 405 25.96 -17.24 7.17
N ALA A 406 27.13 -16.73 7.54
CA ALA A 406 27.94 -17.32 8.60
C ALA A 406 27.22 -17.28 9.95
N ILE A 407 26.49 -16.18 10.19
CA ILE A 407 25.74 -16.04 11.42
C ILE A 407 24.60 -17.07 11.45
N LEU A 408 23.98 -17.27 10.29
CA LEU A 408 22.88 -18.20 10.17
C LEU A 408 23.31 -19.62 10.50
N LEU A 409 24.44 -20.02 9.91
CA LEU A 409 24.97 -21.36 10.14
C LEU A 409 25.41 -21.55 11.58
N GLU A 410 25.72 -20.43 12.25
CA GLU A 410 26.03 -20.46 13.67
C GLU A 410 24.83 -20.97 14.45
N GLU A 411 23.65 -20.51 14.08
CA GLU A 411 22.43 -20.88 14.77
C GLU A 411 21.96 -22.28 14.40
N LYS A 412 22.15 -22.66 13.14
CA LYS A 412 21.80 -24.00 12.70
C LYS A 412 22.60 -25.01 13.53
N GLU A 413 23.72 -24.56 14.05
CA GLU A 413 24.56 -25.38 14.92
C GLU A 413 24.13 -25.23 16.38
N ASN A 414 23.78 -23.99 16.75
CA ASN A 414 23.35 -23.69 18.11
C ASN A 414 22.15 -24.52 18.55
N LEU A 415 21.11 -24.52 17.71
CA LEU A 415 19.89 -25.26 18.00
C LEU A 415 20.13 -26.77 17.99
N LYS A 416 20.75 -27.25 16.92
CA LYS A 416 20.96 -28.69 16.73
C LYS A 416 21.45 -29.38 17.99
N ASN A 417 22.57 -28.89 18.53
CA ASN A 417 23.18 -29.49 19.72
C ASN A 417 22.27 -29.47 20.93
N GLU A 418 21.40 -28.46 21.00
CA GLU A 418 20.44 -28.33 22.09
C GLU A 418 19.41 -29.45 22.03
N GLY A 419 19.04 -29.85 20.82
CA GLY A 419 18.08 -30.91 20.62
C GLY A 419 17.01 -30.58 19.60
N HIS A 420 17.05 -29.34 19.11
CA HIS A 420 16.06 -28.88 18.14
C HIS A 420 16.39 -29.40 16.74
N ASP A 421 15.37 -29.91 16.06
CA ASP A 421 15.52 -30.40 14.70
C ASP A 421 15.18 -29.30 13.70
N ILE A 422 15.80 -29.35 12.52
CA ILE A 422 15.56 -28.35 11.49
C ILE A 422 15.37 -29.02 10.13
N SER A 423 14.92 -28.25 9.15
CA SER A 423 14.85 -28.73 7.78
C SER A 423 16.16 -28.43 7.08
N ASP A 424 16.64 -29.37 6.28
CA ASP A 424 17.91 -29.21 5.59
C ASP A 424 17.76 -28.36 4.33
N ASP A 425 16.54 -28.14 3.89
CA ASP A 425 16.28 -27.35 2.69
C ASP A 425 15.63 -26.01 3.01
N ILE A 426 16.47 -24.99 3.23
CA ILE A 426 16.02 -23.64 3.46
C ILE A 426 16.78 -22.69 2.53
N GLU A 427 16.10 -22.17 1.52
CA GLU A 427 16.75 -21.27 0.57
C GLU A 427 17.12 -19.93 1.21
N LEU A 428 18.23 -19.36 0.77
CA LEU A 428 18.74 -18.13 1.34
C LEU A 428 19.14 -17.19 0.20
N GLY A 429 18.39 -16.09 0.05
CA GLY A 429 18.62 -15.15 -1.01
C GLY A 429 18.76 -13.74 -0.49
N ILE A 430 18.70 -12.75 -1.38
CA ILE A 430 18.88 -11.36 -0.97
C ILE A 430 17.89 -10.41 -1.63
N MET A 431 17.50 -9.38 -0.88
CA MET A 431 16.68 -8.31 -1.41
C MET A 431 17.57 -7.39 -2.24
N VAL A 432 17.32 -7.34 -3.54
CA VAL A 432 18.14 -6.53 -4.45
C VAL A 432 17.60 -5.10 -4.55
N GLU A 433 18.19 -4.19 -3.79
CA GLU A 433 17.82 -2.78 -3.89
C GLU A 433 19.03 -1.89 -4.15
N ILE A 434 20.22 -2.40 -3.87
CA ILE A 434 21.46 -1.64 -4.09
C ILE A 434 21.99 -1.85 -5.50
N PRO A 435 22.15 -0.76 -6.26
CA PRO A 435 22.62 -0.85 -7.65
C PRO A 435 23.94 -1.62 -7.75
N ALA A 436 24.81 -1.44 -6.77
CA ALA A 436 26.08 -2.17 -6.72
C ALA A 436 25.86 -3.68 -6.76
N THR A 437 24.75 -4.13 -6.21
CA THR A 437 24.49 -5.57 -6.12
C THR A 437 24.09 -6.12 -7.49
N ALA A 438 23.47 -5.26 -8.30
CA ALA A 438 23.09 -5.62 -9.66
C ALA A 438 24.31 -5.60 -10.58
N ALA A 439 25.25 -4.69 -10.31
CA ALA A 439 26.43 -4.53 -11.12
C ALA A 439 27.31 -5.78 -11.05
N LEU A 440 27.14 -6.53 -9.97
CA LEU A 440 27.95 -7.71 -9.71
C LEU A 440 27.04 -8.93 -9.53
N ALA A 441 25.91 -8.93 -10.21
CA ALA A 441 24.91 -9.99 -10.07
C ALA A 441 25.48 -11.40 -10.26
N ASP A 442 26.28 -11.58 -11.32
CA ASP A 442 26.82 -12.89 -11.64
C ASP A 442 27.80 -13.41 -10.57
N VAL A 443 28.30 -12.50 -9.76
CA VAL A 443 29.14 -12.91 -8.65
C VAL A 443 28.26 -13.33 -7.48
N PHE A 444 27.28 -12.50 -7.15
CA PHE A 444 26.30 -12.85 -6.13
C PHE A 444 25.54 -14.13 -6.49
N ALA A 445 25.25 -14.33 -7.77
CA ALA A 445 24.44 -15.48 -8.19
C ALA A 445 25.09 -16.81 -7.81
N LYS A 446 26.42 -16.82 -7.80
CA LYS A 446 27.20 -17.99 -7.42
C LYS A 446 26.97 -18.39 -5.97
N GLU A 447 26.74 -17.40 -5.12
CA GLU A 447 26.67 -17.61 -3.68
C GLU A 447 25.25 -17.58 -3.13
N VAL A 448 24.37 -16.86 -3.82
CA VAL A 448 22.99 -16.66 -3.36
C VAL A 448 22.02 -17.65 -4.01
N ASP A 449 21.02 -18.10 -3.25
CA ASP A 449 20.02 -19.06 -3.73
C ASP A 449 18.99 -18.43 -4.68
N PHE A 450 18.72 -17.15 -4.51
CA PHE A 450 17.76 -16.44 -5.34
C PHE A 450 17.83 -14.93 -5.13
N PHE A 451 17.36 -14.18 -6.12
CA PHE A 451 17.26 -12.73 -5.99
C PHE A 451 15.77 -12.35 -5.93
N SER A 452 15.47 -11.26 -5.24
CA SER A 452 14.16 -10.64 -5.34
C SER A 452 14.36 -9.12 -5.32
N ILE A 453 13.86 -8.46 -6.37
CA ILE A 453 14.09 -7.05 -6.58
C ILE A 453 13.07 -6.20 -5.84
N GLY A 454 13.55 -5.23 -5.07
CA GLY A 454 12.67 -4.26 -4.46
C GLY A 454 12.72 -2.97 -5.25
N THR A 455 11.87 -2.86 -6.27
CA THR A 455 11.87 -1.69 -7.16
C THR A 455 11.81 -0.38 -6.38
N ASN A 456 10.94 -0.34 -5.38
CA ASN A 456 10.79 0.86 -4.54
C ASN A 456 12.11 1.45 -4.08
N ASP A 457 12.99 0.60 -3.55
CA ASP A 457 14.30 1.06 -3.13
C ASP A 457 15.24 1.23 -4.33
N LEU A 458 15.35 0.18 -5.15
CA LEU A 458 16.27 0.19 -6.28
C LEU A 458 16.14 1.45 -7.14
N ILE A 459 14.90 1.84 -7.44
CA ILE A 459 14.64 3.04 -8.22
C ILE A 459 15.23 4.29 -7.57
N GLN A 460 15.10 4.39 -6.25
CA GLN A 460 15.60 5.56 -5.54
C GLN A 460 17.13 5.61 -5.54
N TYR A 461 17.77 4.45 -5.39
CA TYR A 461 19.23 4.41 -5.34
C TYR A 461 19.85 4.55 -6.72
N THR A 462 19.24 3.90 -7.71
CA THR A 462 19.76 3.93 -9.07
C THR A 462 19.66 5.34 -9.67
N LEU A 463 18.53 6.01 -9.46
CA LEU A 463 18.34 7.36 -9.98
C LEU A 463 18.78 8.42 -8.97
N ALA A 464 19.09 7.98 -7.75
CA ALA A 464 19.60 8.86 -6.70
C ALA A 464 18.61 9.95 -6.26
N ALA A 465 17.35 9.57 -6.06
CA ALA A 465 16.33 10.51 -5.62
C ALA A 465 15.33 9.90 -4.62
N ASP A 466 14.95 10.68 -3.62
CA ASP A 466 14.00 10.24 -2.61
C ASP A 466 12.56 10.54 -3.02
N ARG A 467 11.76 9.49 -3.18
CA ARG A 467 10.38 9.63 -3.62
C ARG A 467 9.57 10.50 -2.66
N MET A 468 9.93 10.47 -1.38
CA MET A 468 9.25 11.27 -0.36
C MET A 468 9.40 12.77 -0.63
N SER A 469 10.63 13.18 -0.92
CA SER A 469 10.90 14.57 -1.29
C SER A 469 10.18 14.90 -2.59
N GLU A 470 9.22 15.80 -2.52
CA GLU A 470 8.42 16.15 -3.70
C GLU A 470 9.27 16.90 -4.72
N ARG A 471 10.32 17.55 -4.24
CA ARG A 471 11.22 18.33 -5.09
C ARG A 471 11.84 17.47 -6.20
N VAL A 472 12.20 16.23 -5.88
CA VAL A 472 12.82 15.33 -6.85
C VAL A 472 12.07 14.00 -7.00
N SER A 473 10.81 13.99 -6.59
CA SER A 473 10.02 12.76 -6.64
C SER A 473 9.76 12.33 -8.08
N TYR A 474 9.76 13.29 -9.00
CA TYR A 474 9.53 13.00 -10.41
C TYR A 474 10.52 11.97 -10.94
N LEU A 475 11.63 11.78 -10.23
CA LEU A 475 12.65 10.83 -10.65
C LEU A 475 12.33 9.40 -10.21
N TYR A 476 11.15 9.21 -9.63
CA TYR A 476 10.68 7.86 -9.35
C TYR A 476 10.12 7.26 -10.65
N GLN A 477 11.02 6.83 -11.53
CA GLN A 477 10.64 6.32 -12.86
C GLN A 477 10.87 4.81 -12.99
N PRO A 478 9.84 4.01 -12.67
CA PRO A 478 9.91 2.55 -12.72
C PRO A 478 10.07 1.97 -14.13
N TYR A 479 9.59 2.70 -15.15
CA TYR A 479 9.71 2.22 -16.53
C TYR A 479 10.93 2.81 -17.23
N ASN A 480 11.82 3.41 -16.44
CA ASN A 480 13.06 3.97 -16.96
C ASN A 480 13.97 2.85 -17.48
N PRO A 481 14.57 3.05 -18.66
CA PRO A 481 15.42 2.05 -19.30
C PRO A 481 16.59 1.62 -18.41
N SER A 482 17.13 2.56 -17.64
CA SER A 482 18.21 2.26 -16.70
C SER A 482 17.78 1.16 -15.75
N ILE A 483 16.58 1.29 -15.21
CA ILE A 483 16.06 0.33 -14.24
C ILE A 483 15.87 -1.03 -14.92
N LEU A 484 15.22 -1.01 -16.08
CA LEU A 484 14.97 -2.24 -16.81
C LEU A 484 16.27 -3.03 -17.02
N ARG A 485 17.35 -2.32 -17.33
CA ARG A 485 18.64 -2.95 -17.60
C ARG A 485 19.22 -3.66 -16.38
N LEU A 486 19.15 -3.01 -15.23
CA LEU A 486 19.60 -3.66 -13.99
C LEU A 486 18.71 -4.86 -13.71
N VAL A 487 17.39 -4.68 -13.84
CA VAL A 487 16.47 -5.79 -13.69
C VAL A 487 16.87 -6.95 -14.57
N LYS A 488 17.06 -6.69 -15.86
CA LYS A 488 17.45 -7.75 -16.78
C LYS A 488 18.79 -8.37 -16.37
N GLN A 489 19.73 -7.52 -15.97
CA GLN A 489 21.04 -7.97 -15.54
C GLN A 489 20.93 -8.99 -14.42
N VAL A 490 20.10 -8.69 -13.43
CA VAL A 490 19.90 -9.60 -12.31
C VAL A 490 19.30 -10.93 -12.77
N ILE A 491 18.22 -10.84 -13.54
CA ILE A 491 17.55 -12.03 -14.06
C ILE A 491 18.51 -12.95 -14.84
N GLU A 492 19.25 -12.37 -15.78
CA GLU A 492 20.20 -13.14 -16.56
C GLU A 492 21.19 -13.88 -15.68
N ALA A 493 21.77 -13.17 -14.70
CA ALA A 493 22.76 -13.75 -13.82
C ALA A 493 22.20 -14.96 -13.07
N SER A 494 21.00 -14.83 -12.52
CA SER A 494 20.44 -15.93 -11.76
C SER A 494 20.28 -17.20 -12.60
N HIS A 495 19.80 -17.05 -13.84
CA HIS A 495 19.60 -18.21 -14.71
C HIS A 495 20.92 -18.83 -15.16
N LYS A 496 21.95 -18.00 -15.22
CA LYS A 496 23.28 -18.48 -15.56
C LYS A 496 23.79 -19.45 -14.50
N GLU A 497 23.27 -19.34 -13.29
CA GLU A 497 23.67 -20.23 -12.21
C GLU A 497 22.56 -21.19 -11.77
N GLY A 498 21.46 -21.20 -12.52
CA GLY A 498 20.34 -22.08 -12.20
C GLY A 498 19.51 -21.55 -11.05
N LYS A 499 19.70 -20.27 -10.74
CA LYS A 499 18.93 -19.60 -9.69
C LYS A 499 17.66 -19.01 -10.28
N TRP A 500 16.88 -18.34 -9.44
CA TRP A 500 15.68 -17.65 -9.92
C TRP A 500 15.57 -16.23 -9.36
N THR A 501 14.91 -15.37 -10.11
CA THR A 501 14.69 -13.98 -9.71
C THR A 501 13.19 -13.67 -9.59
N GLY A 502 12.81 -13.07 -8.47
CA GLY A 502 11.44 -12.62 -8.28
C GLY A 502 11.40 -11.12 -8.04
N MET A 503 10.21 -10.53 -8.12
CA MET A 503 10.04 -9.11 -7.82
C MET A 503 8.89 -8.88 -6.87
N CYS A 504 9.19 -8.38 -5.68
CA CYS A 504 8.16 -8.14 -4.67
C CYS A 504 7.86 -6.66 -4.51
N GLY A 505 8.31 -5.87 -5.47
CA GLY A 505 7.92 -4.48 -5.56
C GLY A 505 6.58 -4.36 -6.24
N GLU A 506 5.86 -3.27 -5.97
CA GLU A 506 4.52 -3.04 -6.50
C GLU A 506 4.44 -3.18 -8.03
N MET A 507 5.55 -2.88 -8.70
CA MET A 507 5.61 -2.96 -10.16
C MET A 507 5.29 -4.37 -10.68
N ALA A 508 5.56 -5.37 -9.85
CA ALA A 508 5.37 -6.76 -10.25
C ALA A 508 3.89 -7.08 -10.47
N GLY A 509 3.03 -6.43 -9.70
CA GLY A 509 1.60 -6.66 -9.79
C GLY A 509 0.90 -5.73 -10.76
N ASP A 510 1.69 -4.86 -11.40
CA ASP A 510 1.13 -3.87 -12.32
C ASP A 510 0.83 -4.47 -13.69
N GLU A 511 -0.42 -4.33 -14.14
CA GLU A 511 -0.86 -4.96 -15.38
C GLU A 511 -0.17 -4.42 -16.63
N THR A 512 0.58 -3.33 -16.48
CA THR A 512 1.29 -2.75 -17.62
C THR A 512 2.78 -3.06 -17.58
N ALA A 513 3.28 -3.43 -16.41
CA ALA A 513 4.69 -3.76 -16.25
C ALA A 513 4.94 -5.26 -16.33
N ILE A 514 3.86 -6.04 -16.34
CA ILE A 514 3.97 -7.49 -16.36
C ILE A 514 4.51 -8.07 -17.67
N PRO A 515 3.97 -7.64 -18.82
CA PRO A 515 4.46 -8.19 -20.09
C PRO A 515 5.94 -7.92 -20.31
N LEU A 516 6.42 -6.78 -19.81
CA LEU A 516 7.84 -6.45 -19.87
C LEU A 516 8.65 -7.43 -19.03
N LEU A 517 8.24 -7.58 -17.77
CA LEU A 517 8.95 -8.44 -16.85
C LEU A 517 8.96 -9.87 -17.36
N LEU A 518 7.85 -10.27 -17.98
CA LEU A 518 7.76 -11.58 -18.59
C LEU A 518 8.86 -11.72 -19.63
N GLY A 519 8.87 -10.79 -20.59
CA GLY A 519 9.87 -10.77 -21.64
C GLY A 519 11.29 -10.65 -21.15
N LEU A 520 11.48 -10.21 -19.91
CA LEU A 520 12.81 -10.12 -19.32
C LEU A 520 13.26 -11.45 -18.70
N GLY A 521 12.29 -12.33 -18.43
CA GLY A 521 12.59 -13.65 -17.91
C GLY A 521 12.24 -13.82 -16.45
N LEU A 522 11.53 -12.85 -15.90
CA LEU A 522 11.19 -12.85 -14.47
C LEU A 522 10.53 -14.16 -14.05
N ASP A 523 11.12 -14.81 -13.04
CA ASP A 523 10.64 -16.09 -12.57
C ASP A 523 9.44 -15.97 -11.63
N GLU A 524 9.52 -15.03 -10.68
CA GLU A 524 8.45 -14.89 -9.69
C GLU A 524 7.89 -13.48 -9.64
N PHE A 525 6.56 -13.38 -9.49
CA PHE A 525 5.90 -12.09 -9.33
C PHE A 525 5.20 -12.04 -7.97
N SER A 526 5.69 -11.22 -7.05
CA SER A 526 5.03 -11.01 -5.77
C SER A 526 4.25 -9.69 -5.76
N MET A 527 3.01 -9.74 -5.28
CA MET A 527 2.11 -8.60 -5.36
C MET A 527 1.06 -8.68 -4.25
N SER A 528 0.13 -7.72 -4.27
CA SER A 528 -1.03 -7.78 -3.40
C SER A 528 -1.93 -8.90 -3.89
N ALA A 529 -2.45 -9.71 -2.96
CA ALA A 529 -3.27 -10.86 -3.32
C ALA A 529 -4.43 -10.48 -4.23
N THR A 530 -4.84 -9.21 -4.17
CA THR A 530 -5.97 -8.73 -4.95
C THR A 530 -5.66 -8.60 -6.44
N SER A 531 -4.41 -8.89 -6.81
CA SER A 531 -3.98 -8.73 -8.20
C SER A 531 -3.51 -10.03 -8.83
N ILE A 532 -3.34 -11.05 -8.00
CA ILE A 532 -2.82 -12.33 -8.46
C ILE A 532 -3.65 -12.94 -9.59
N LEU A 533 -4.97 -13.02 -9.39
CA LEU A 533 -5.87 -13.62 -10.37
C LEU A 533 -5.79 -12.93 -11.73
N LYS A 534 -5.71 -11.60 -11.71
CA LYS A 534 -5.64 -10.82 -12.93
C LYS A 534 -4.31 -11.06 -13.64
N ALA A 535 -3.24 -11.16 -12.86
CA ALA A 535 -1.92 -11.43 -13.41
C ALA A 535 -1.89 -12.78 -14.10
N ARG A 536 -2.47 -13.79 -13.45
CA ARG A 536 -2.53 -15.13 -14.03
C ARG A 536 -3.30 -15.13 -15.35
N ARG A 537 -4.37 -14.35 -15.41
CA ARG A 537 -5.21 -14.28 -16.60
C ARG A 537 -4.41 -13.67 -17.74
N GLN A 538 -3.73 -12.57 -17.44
CA GLN A 538 -2.89 -11.90 -18.42
C GLN A 538 -1.73 -12.78 -18.89
N ILE A 539 -0.95 -13.30 -17.95
CA ILE A 539 0.22 -14.11 -18.29
C ILE A 539 -0.14 -15.36 -19.08
N ASN A 540 -1.21 -16.04 -18.67
CA ASN A 540 -1.62 -17.27 -19.33
C ASN A 540 -2.04 -17.03 -20.78
N GLY A 541 -2.29 -15.77 -21.13
CA GLY A 541 -2.71 -15.42 -22.47
C GLY A 541 -1.60 -14.81 -23.31
N LEU A 542 -0.39 -14.80 -22.77
CA LEU A 542 0.77 -14.21 -23.46
C LEU A 542 1.78 -15.24 -23.93
N SER A 543 2.67 -14.81 -24.82
CA SER A 543 3.78 -15.64 -25.30
C SER A 543 5.10 -15.01 -24.88
N LYS A 544 5.88 -15.73 -24.08
CA LYS A 544 7.15 -15.17 -23.61
C LYS A 544 8.02 -14.76 -24.79
N ASN A 545 7.97 -15.54 -25.85
CA ASN A 545 8.76 -15.27 -27.05
C ASN A 545 8.51 -13.86 -27.59
N GLU A 546 7.24 -13.50 -27.72
CA GLU A 546 6.87 -12.17 -28.25
C GLU A 546 7.19 -11.06 -27.26
N MET A 547 7.03 -11.32 -25.98
CA MET A 547 7.32 -10.34 -24.95
C MET A 547 8.82 -10.15 -24.74
N THR A 548 9.60 -11.16 -25.13
CA THR A 548 11.05 -11.05 -25.10
C THR A 548 11.51 -9.98 -26.07
N GLU A 549 11.03 -10.03 -27.31
CA GLU A 549 11.40 -9.04 -28.30
C GLU A 549 10.95 -7.64 -27.86
N LEU A 550 9.74 -7.55 -27.30
CA LEU A 550 9.25 -6.28 -26.78
C LEU A 550 10.17 -5.72 -25.69
N ALA A 551 10.63 -6.58 -24.78
CA ALA A 551 11.49 -6.17 -23.69
C ALA A 551 12.85 -5.68 -24.22
N ASN A 552 13.39 -6.39 -25.21
CA ASN A 552 14.67 -6.03 -25.79
C ASN A 552 14.63 -4.71 -26.57
N ARG A 553 13.43 -4.23 -26.87
CA ARG A 553 13.29 -2.92 -27.50
C ARG A 553 13.18 -1.85 -26.43
N ALA A 554 12.64 -2.23 -25.27
CA ALA A 554 12.44 -1.30 -24.17
C ALA A 554 13.77 -0.91 -23.53
N VAL A 555 14.61 -1.90 -23.25
CA VAL A 555 15.88 -1.65 -22.59
C VAL A 555 16.76 -0.73 -23.41
N ASP A 556 16.48 -0.62 -24.70
CA ASP A 556 17.23 0.26 -25.58
C ASP A 556 16.52 1.57 -25.85
N CYS A 557 15.52 1.90 -25.03
CA CYS A 557 14.87 3.20 -25.10
C CYS A 557 15.69 4.24 -24.35
N ALA A 558 15.41 5.51 -24.65
CA ALA A 558 16.22 6.60 -24.14
C ALA A 558 15.57 7.28 -22.93
N THR A 559 14.25 7.10 -22.78
CA THR A 559 13.51 7.71 -21.68
C THR A 559 12.32 6.85 -21.27
N GLN A 560 11.78 7.14 -20.10
CA GLN A 560 10.60 6.41 -19.63
C GLN A 560 9.44 6.67 -20.56
N GLU A 561 9.34 7.89 -21.05
CA GLU A 561 8.30 8.26 -22.00
C GLU A 561 8.34 7.36 -23.24
N GLU A 562 9.53 7.06 -23.74
CA GLU A 562 9.66 6.18 -24.90
C GLU A 562 9.15 4.77 -24.59
N VAL A 563 9.46 4.30 -23.38
CA VAL A 563 9.11 2.95 -22.95
C VAL A 563 7.61 2.79 -22.74
N ILE A 564 7.03 3.74 -22.04
CA ILE A 564 5.60 3.68 -21.73
C ILE A 564 4.77 3.68 -23.01
N GLU A 565 5.24 4.39 -24.03
CA GLU A 565 4.55 4.43 -25.31
C GLU A 565 4.77 3.15 -26.13
N LEU A 566 5.99 2.61 -26.08
CA LEU A 566 6.28 1.36 -26.78
C LEU A 566 5.31 0.30 -26.27
N VAL A 567 5.20 0.20 -24.95
CA VAL A 567 4.33 -0.77 -24.29
C VAL A 567 2.86 -0.59 -24.67
N ASN A 568 2.37 0.64 -24.60
CA ASN A 568 0.95 0.90 -24.87
C ASN A 568 0.53 0.62 -26.32
N ASN A 569 1.45 0.81 -27.25
CA ASN A 569 1.13 0.67 -28.67
C ASN A 569 1.94 -0.38 -29.43
N TYR A 570 2.35 -1.43 -28.72
CA TYR A 570 3.10 -2.51 -29.34
C TYR A 570 2.22 -3.45 -30.17
N VAL A 571 2.75 -3.91 -31.29
CA VAL A 571 2.06 -4.84 -32.17
C VAL A 571 2.79 -6.19 -32.24
CA CA B . 13.03 13.02 -16.07
#